data_8K5K
#
_entry.id   8K5K
#
_cell.length_a   68.711
_cell.length_b   95.841
_cell.length_c   62.147
_cell.angle_alpha   90.00
_cell.angle_beta   90.00
_cell.angle_gamma   90.00
#
_symmetry.space_group_name_H-M   'P 21 21 2'
#
loop_
_entity.id
_entity.type
_entity.pdbx_description
1 polymer 'selenoneine synthase SenA'
2 non-polymer 'FE (III) ION'
3 non-polymer GLYCEROL
4 water water
#
_entity_poly.entity_id   1
_entity_poly.type   'polypeptide(L)'
_entity_poly.pdbx_seq_one_letter_code
;GAGAGAGAGAGMDSTLPVYSVAGAPEALALRAGPPASVRAALLAARRRTLDLADDFRAALGDAYPGIGYAPELNPPLWEL
GHVAWFQEWWIGRNRQRARGVACEPDHAREPSLLPQADAWYDSGRVAHRTRWALPLPDAEATRDYLERTLAQTLALLDEL
PPDAHDDALYFFRLVALHEAMHAEAAAYMAEGLGIALREGGVAPQLAEDAELELPAQRLRMGSDAGTGFAFDNELLSHDV
SIEPLRIDAQAVSWARFLPFVEAGGYEHPAWWSDAGRDWLARQLLRHPAHLRAAGTGWQQRRGGRWLPLDPQGAAVHLNA
HEAEAWCRWAGRRLPTEAEWECAALTLPGFAWGRVWEWTSSPFEPYPGFAPHPYRDYSAPWFGTRRVLRGACHATSAALA
HARYRNFFEPHRRDIFAGFRSCRAPGG
;
_entity_poly.pdbx_strand_id   A
#
# COMPACT_ATOMS: atom_id res chain seq x y z
N TYR A 19 -15.07 -18.57 3.79
CA TYR A 19 -13.94 -17.71 3.33
C TYR A 19 -12.58 -18.33 3.70
N SER A 20 -11.63 -18.30 2.77
CA SER A 20 -10.19 -18.51 3.05
C SER A 20 -9.69 -17.49 4.06
N VAL A 21 -8.52 -17.73 4.62
CA VAL A 21 -7.77 -16.67 5.36
C VAL A 21 -7.45 -15.55 4.40
N ALA A 22 -7.33 -14.34 4.93
CA ALA A 22 -7.23 -13.10 4.14
C ALA A 22 -5.79 -12.83 3.71
N GLY A 23 -4.80 -13.55 4.27
CA GLY A 23 -3.41 -13.32 3.85
C GLY A 23 -2.49 -14.39 4.37
N ALA A 24 -1.19 -14.22 4.17
CA ALA A 24 -0.14 -15.16 4.67
C ALA A 24 -0.12 -15.17 6.19
N PRO A 25 0.51 -16.20 6.81
CA PRO A 25 0.52 -16.30 8.27
C PRO A 25 0.98 -15.00 8.95
N GLU A 26 1.94 -14.31 8.35
CA GLU A 26 2.54 -13.10 8.95
C GLU A 26 1.46 -12.02 9.07
N ALA A 27 0.58 -11.94 8.09
CA ALA A 27 -0.48 -10.91 8.03
C ALA A 27 -1.50 -11.15 9.15
N LEU A 28 -1.90 -12.41 9.35
CA LEU A 28 -2.83 -12.83 10.43
C LEU A 28 -2.16 -12.65 11.78
N ALA A 29 -0.87 -12.99 11.91
CA ALA A 29 -0.15 -12.93 13.21
C ALA A 29 -0.04 -11.46 13.63
N LEU A 30 0.26 -10.55 12.70
CA LEU A 30 0.45 -9.13 13.05
C LEU A 30 -0.91 -8.56 13.48
N ARG A 31 -1.99 -8.95 12.81
CA ARG A 31 -3.32 -8.35 13.11
C ARG A 31 -3.92 -8.92 14.40
N ALA A 32 -3.72 -10.21 14.68
CA ALA A 32 -4.49 -10.97 15.69
C ALA A 32 -3.58 -11.68 16.70
N GLY A 33 -2.28 -11.76 16.46
CA GLY A 33 -1.43 -12.57 17.34
C GLY A 33 -1.06 -11.84 18.62
N PRO A 34 -0.37 -12.56 19.52
CA PRO A 34 0.04 -12.03 20.82
C PRO A 34 1.24 -11.11 20.71
N PRO A 35 1.69 -10.48 21.81
CA PRO A 35 2.91 -9.63 21.75
C PRO A 35 4.12 -10.22 21.01
N ALA A 36 4.46 -11.49 21.24
CA ALA A 36 5.60 -12.17 20.59
C ALA A 36 5.48 -12.07 19.07
N SER A 37 4.28 -12.20 18.52
CA SER A 37 4.03 -12.07 17.05
C SER A 37 4.32 -10.64 16.59
N VAL A 38 3.81 -9.66 17.35
CA VAL A 38 3.99 -8.23 16.98
C VAL A 38 5.46 -7.90 17.11
N ARG A 39 6.14 -8.42 18.13
CA ARG A 39 7.60 -8.26 18.29
C ARG A 39 8.32 -8.75 17.03
N ALA A 40 8.01 -9.96 16.57
CA ALA A 40 8.71 -10.55 15.41
C ALA A 40 8.40 -9.68 14.17
N ALA A 41 7.19 -9.16 14.07
CA ALA A 41 6.81 -8.29 12.94
C ALA A 41 7.59 -6.98 12.97
N LEU A 42 7.78 -6.37 14.15
CA LEU A 42 8.53 -5.09 14.25
C LEU A 42 10.00 -5.32 13.86
N LEU A 43 10.61 -6.41 14.31
CA LEU A 43 12.01 -6.76 13.92
C LEU A 43 12.12 -7.01 12.41
N ALA A 44 11.17 -7.76 11.85
CA ALA A 44 11.17 -8.07 10.41
C ALA A 44 11.01 -6.77 9.61
N ALA A 45 10.10 -5.88 10.04
CA ALA A 45 9.87 -4.58 9.36
C ALA A 45 11.16 -3.76 9.39
N ARG A 46 11.85 -3.73 10.55
CA ARG A 46 13.08 -2.94 10.67
C ARG A 46 14.18 -3.55 9.79
N ARG A 47 14.29 -4.88 9.72
CA ARG A 47 15.32 -5.55 8.87
C ARG A 47 15.06 -5.10 7.43
N ARG A 48 13.80 -5.08 7.02
CA ARG A 48 13.48 -4.71 5.63
C ARG A 48 13.79 -3.21 5.40
N THR A 49 13.38 -2.34 6.33
CA THR A 49 13.66 -0.89 6.27
C THR A 49 15.17 -0.67 6.09
N LEU A 50 16.00 -1.36 6.86
CA LEU A 50 17.45 -1.07 6.83
C LEU A 50 18.10 -1.65 5.57
N ASP A 51 17.55 -2.75 5.04
CA ASP A 51 18.06 -3.34 3.78
C ASP A 51 17.74 -2.36 2.66
N LEU A 52 16.56 -1.76 2.66
CA LEU A 52 16.21 -0.78 1.62
C LEU A 52 17.10 0.46 1.80
N ALA A 53 17.33 0.88 3.05
CA ALA A 53 18.19 2.05 3.33
C ALA A 53 19.59 1.79 2.75
N ASP A 54 20.05 0.55 2.89
CA ASP A 54 21.36 0.11 2.30
C ASP A 54 21.36 0.18 0.76
N ASP A 55 20.27 -0.17 0.08
CA ASP A 55 20.18 -0.08 -1.40
C ASP A 55 20.29 1.40 -1.80
N PHE A 56 19.62 2.26 -1.07
CA PHE A 56 19.65 3.72 -1.35
C PHE A 56 21.08 4.24 -1.11
N ARG A 57 21.74 3.79 -0.02
CA ARG A 57 23.12 4.18 0.36
C ARG A 57 24.09 3.77 -0.76
N ALA A 58 23.84 2.64 -1.43
CA ALA A 58 24.69 2.14 -2.53
C ALA A 58 24.56 3.08 -3.74
N ALA A 59 23.37 3.64 -4.00
CA ALA A 59 23.10 4.51 -5.16
C ALA A 59 23.47 5.96 -4.83
N LEU A 60 23.09 6.45 -3.65
CA LEU A 60 23.12 7.91 -3.33
C LEU A 60 24.23 8.24 -2.32
N GLY A 61 24.95 7.25 -1.78
CA GLY A 61 25.94 7.40 -0.69
C GLY A 61 25.53 8.27 0.50
N ASP A 62 24.28 8.28 0.94
CA ASP A 62 23.84 9.07 2.13
C ASP A 62 23.91 10.59 1.87
N ALA A 63 23.90 11.01 0.60
CA ALA A 63 23.62 12.40 0.19
C ALA A 63 22.22 12.80 0.66
N TYR A 64 22.10 13.90 1.40
CA TYR A 64 20.77 14.51 1.70
C TYR A 64 20.71 15.84 0.96
N PRO A 65 19.64 16.11 0.19
CA PRO A 65 18.47 15.23 0.13
C PRO A 65 18.66 13.98 -0.76
N GLY A 66 19.58 14.02 -1.72
CA GLY A 66 19.92 12.81 -2.50
C GLY A 66 19.12 12.67 -3.79
N ILE A 67 18.04 13.42 -3.96
CA ILE A 67 17.11 13.24 -5.11
C ILE A 67 16.53 14.61 -5.45
N GLY A 68 16.16 14.82 -6.70
CA GLY A 68 15.43 16.03 -7.10
C GLY A 68 14.03 15.98 -6.48
N TYR A 69 13.33 17.10 -6.53
CA TYR A 69 11.95 17.21 -6.07
C TYR A 69 10.98 16.59 -7.08
N ALA A 70 10.06 15.76 -6.60
CA ALA A 70 8.77 15.49 -7.29
C ALA A 70 7.70 15.26 -6.23
N PRO A 71 6.42 15.54 -6.55
CA PRO A 71 5.35 15.30 -5.58
C PRO A 71 5.26 13.84 -5.09
N GLU A 72 5.74 12.87 -5.89
CA GLU A 72 5.53 11.43 -5.60
C GLU A 72 6.70 10.89 -4.78
N LEU A 73 7.67 11.74 -4.44
CA LEU A 73 8.92 11.36 -3.75
C LEU A 73 8.95 11.99 -2.35
N ASN A 74 9.82 11.43 -1.51
CA ASN A 74 10.37 12.11 -0.31
C ASN A 74 11.85 11.74 -0.27
N PRO A 75 12.71 12.58 0.33
CA PRO A 75 14.12 12.22 0.51
C PRO A 75 14.27 10.94 1.33
N PRO A 76 15.11 9.98 0.89
CA PRO A 76 15.31 8.75 1.64
C PRO A 76 15.68 8.94 3.12
N LEU A 77 16.47 9.95 3.50
CA LEU A 77 16.82 10.13 4.93
C LEU A 77 15.63 10.74 5.71
N TRP A 78 14.76 11.48 5.03
CA TRP A 78 13.50 11.98 5.64
C TRP A 78 12.58 10.78 5.92
N GLU A 79 12.40 9.90 4.95
CA GLU A 79 11.60 8.65 5.11
C GLU A 79 12.05 7.87 6.34
N LEU A 80 13.35 7.63 6.50
CA LEU A 80 13.90 6.86 7.65
C LEU A 80 13.57 7.55 8.96
N GLY A 81 13.82 8.85 9.05
CA GLY A 81 13.51 9.59 10.27
C GLY A 81 12.02 9.60 10.55
N HIS A 82 11.22 9.67 9.49
CA HIS A 82 9.75 9.64 9.63
C HIS A 82 9.29 8.29 10.21
N VAL A 83 9.90 7.18 9.79
CA VAL A 83 9.55 5.82 10.31
C VAL A 83 9.78 5.79 11.83
N ALA A 84 10.92 6.28 12.29
CA ALA A 84 11.26 6.34 13.72
C ALA A 84 10.28 7.29 14.43
N TRP A 85 10.08 8.48 13.85
CA TRP A 85 9.19 9.50 14.47
C TRP A 85 7.80 8.92 14.71
N PHE A 86 7.22 8.27 13.70
CA PHE A 86 5.86 7.69 13.77
C PHE A 86 5.82 6.66 14.89
N GLN A 87 6.81 5.80 14.91
CA GLN A 87 6.84 4.71 15.93
C GLN A 87 6.85 5.31 17.33
N GLU A 88 7.75 6.24 17.54
CA GLU A 88 7.96 6.95 18.83
C GLU A 88 6.69 7.73 19.18
N TRP A 89 6.07 8.37 18.20
CA TRP A 89 4.88 9.20 18.43
C TRP A 89 3.78 8.32 19.01
N TRP A 90 3.61 7.13 18.44
CA TRP A 90 2.43 6.29 18.75
C TRP A 90 2.74 5.28 19.84
N ILE A 91 4.03 5.03 20.15
CA ILE A 91 4.41 4.09 21.23
C ILE A 91 5.00 4.87 22.41
N GLY A 92 6.30 5.14 22.44
CA GLY A 92 6.98 5.64 23.65
C GLY A 92 6.37 6.95 24.15
N ARG A 93 5.97 7.86 23.27
CA ARG A 93 5.47 9.22 23.67
C ARG A 93 3.98 9.19 23.96
N ASN A 94 3.31 8.11 23.53
CA ASN A 94 1.85 7.95 23.58
C ASN A 94 1.46 7.54 25.02
N ARG A 95 0.80 8.43 25.74
CA ARG A 95 0.38 8.20 27.15
C ARG A 95 -0.94 7.42 27.18
N GLN A 96 -1.57 7.09 26.06
CA GLN A 96 -2.86 6.35 26.04
C GLN A 96 -2.78 5.08 25.16
N ARG A 97 -1.65 4.38 25.13
CA ARG A 97 -1.47 3.17 24.28
C ARG A 97 -2.56 2.16 24.57
N ALA A 98 -2.88 1.97 25.86
CA ALA A 98 -3.79 0.92 26.34
C ALA A 98 -5.21 1.14 25.84
N ARG A 99 -5.56 2.34 25.39
CA ARG A 99 -6.93 2.68 24.95
C ARG A 99 -7.14 2.22 23.50
N GLY A 100 -6.09 1.81 22.79
CA GLY A 100 -6.21 1.48 21.36
C GLY A 100 -6.96 2.57 20.61
N VAL A 101 -8.03 2.21 19.93
CA VAL A 101 -8.75 3.14 19.00
C VAL A 101 -9.48 4.25 19.79
N ALA A 102 -9.61 4.15 21.12
CA ALA A 102 -10.22 5.24 21.92
C ALA A 102 -9.16 6.26 22.36
N CYS A 103 -7.88 6.05 22.03
CA CYS A 103 -6.79 7.02 22.31
C CYS A 103 -7.22 8.41 21.79
N GLU A 104 -7.10 9.44 22.61
CA GLU A 104 -7.29 10.86 22.23
C GLU A 104 -6.06 11.27 21.45
N PRO A 105 -6.17 11.46 20.12
CA PRO A 105 -4.98 11.61 19.27
C PRO A 105 -4.10 12.81 19.65
N ASP A 106 -4.71 13.87 20.20
CA ASP A 106 -4.01 15.15 20.47
C ASP A 106 -3.74 15.34 21.96
N HIS A 107 -3.60 14.27 22.74
CA HIS A 107 -3.18 14.36 24.17
C HIS A 107 -1.73 14.84 24.26
N ALA A 108 -1.35 15.39 25.42
CA ALA A 108 -0.01 15.92 25.70
C ALA A 108 1.00 14.76 25.77
N ARG A 109 2.03 14.79 24.94
CA ARG A 109 3.00 13.68 24.87
C ARG A 109 4.32 14.05 25.52
N GLU A 110 5.05 13.02 25.92
CA GLU A 110 6.48 13.13 26.32
C GLU A 110 7.26 13.74 25.15
N PRO A 111 8.43 14.33 25.41
CA PRO A 111 9.29 14.81 24.33
C PRO A 111 9.82 13.64 23.51
N SER A 112 10.24 13.95 22.28
CA SER A 112 11.02 13.05 21.42
C SER A 112 12.47 13.05 21.90
N LEU A 113 13.20 12.01 21.55
CA LEU A 113 14.68 11.99 21.62
C LEU A 113 15.23 13.19 20.87
N LEU A 114 14.57 13.62 19.79
CA LEU A 114 15.05 14.75 18.96
C LEU A 114 14.15 15.95 19.19
N PRO A 115 14.71 17.08 19.66
CA PRO A 115 13.93 18.29 19.91
C PRO A 115 13.10 18.73 18.71
N GLN A 116 13.65 18.60 17.50
CA GLN A 116 12.99 19.12 16.28
C GLN A 116 12.26 17.99 15.55
N ALA A 117 12.14 16.78 16.13
CA ALA A 117 11.50 15.63 15.44
C ALA A 117 10.11 16.01 14.93
N ASP A 118 9.31 16.68 15.75
CA ASP A 118 7.90 17.01 15.39
C ASP A 118 7.92 18.01 14.25
N ALA A 119 8.88 18.93 14.24
CA ALA A 119 8.98 19.97 13.20
C ALA A 119 9.48 19.33 11.88
N TRP A 120 10.26 18.25 11.97
CA TRP A 120 10.90 17.64 10.79
C TRP A 120 10.07 16.52 10.17
N TYR A 121 9.50 15.63 10.98
CA TYR A 121 9.09 14.29 10.50
C TYR A 121 7.58 14.09 10.52
N ASP A 122 6.81 14.96 11.18
CA ASP A 122 5.36 14.76 11.25
C ASP A 122 4.78 15.03 9.86
N SER A 123 4.33 13.96 9.17
CA SER A 123 3.89 14.09 7.75
C SER A 123 2.64 14.99 7.67
N GLY A 124 1.94 15.21 8.78
CA GLY A 124 0.75 16.09 8.88
C GLY A 124 1.13 17.56 9.05
N ARG A 125 2.38 17.85 9.41
CA ARG A 125 2.81 19.22 9.81
C ARG A 125 3.75 19.74 8.73
N VAL A 126 4.68 18.91 8.26
CA VAL A 126 5.81 19.38 7.42
C VAL A 126 5.36 19.48 5.98
N ALA A 127 5.45 20.67 5.41
CA ALA A 127 5.11 20.95 4.01
C ALA A 127 5.98 20.07 3.11
N HIS A 128 5.43 19.59 2.00
CA HIS A 128 6.09 18.52 1.23
C HIS A 128 7.45 19.01 0.72
N ARG A 129 7.50 20.19 0.08
CA ARG A 129 8.76 20.72 -0.52
C ARG A 129 9.79 20.98 0.58
N THR A 130 9.35 21.34 1.78
CA THR A 130 10.24 21.66 2.91
C THR A 130 11.08 20.44 3.26
N ARG A 131 10.66 19.24 2.88
CA ARG A 131 11.34 18.00 3.35
C ARG A 131 12.72 17.90 2.71
N TRP A 132 12.94 18.62 1.60
CA TRP A 132 14.25 18.65 0.89
C TRP A 132 15.20 19.66 1.55
N ALA A 133 14.70 20.50 2.46
CA ALA A 133 15.45 21.67 2.96
C ALA A 133 15.43 21.74 4.48
N LEU A 134 15.40 20.61 5.16
CA LEU A 134 15.50 20.54 6.63
C LEU A 134 16.93 20.27 7.07
N PRO A 135 17.35 20.79 8.24
CA PRO A 135 18.64 20.44 8.83
C PRO A 135 18.64 19.06 9.51
N LEU A 136 18.43 18.00 8.74
CA LEU A 136 18.19 16.66 9.30
C LEU A 136 19.49 16.12 9.89
N PRO A 137 19.44 15.16 10.85
CA PRO A 137 20.64 14.46 11.26
C PRO A 137 21.18 13.67 10.06
N ASP A 138 22.45 13.33 10.08
CA ASP A 138 23.06 12.57 8.96
C ASP A 138 22.55 11.12 9.01
N ALA A 139 22.90 10.33 8.01
CA ALA A 139 22.41 8.94 7.90
C ALA A 139 22.73 8.18 9.19
N GLU A 140 23.95 8.34 9.72
CA GLU A 140 24.36 7.60 10.95
C GLU A 140 23.45 7.98 12.12
N ALA A 141 23.29 9.27 12.38
CA ALA A 141 22.46 9.76 13.50
C ALA A 141 20.99 9.36 13.25
N THR A 142 20.55 9.28 12.00
CA THR A 142 19.16 8.88 11.68
C THR A 142 19.02 7.41 12.03
N ARG A 143 20.03 6.62 11.74
CA ARG A 143 20.02 5.17 12.07
C ARG A 143 20.05 5.03 13.59
N ASP A 144 20.78 5.88 14.29
CA ASP A 144 20.83 5.84 15.78
C ASP A 144 19.44 6.12 16.35
N TYR A 145 18.72 7.09 15.78
CA TYR A 145 17.34 7.45 16.23
C TYR A 145 16.38 6.26 16.02
N LEU A 146 16.45 5.63 14.85
CA LEU A 146 15.70 4.37 14.57
C LEU A 146 16.00 3.31 15.65
N GLU A 147 17.26 3.11 15.99
CA GLU A 147 17.69 2.02 16.91
C GLU A 147 17.14 2.31 18.29
N ARG A 148 17.32 3.55 18.76
CA ARG A 148 16.90 3.96 20.12
C ARG A 148 15.37 3.86 20.26
N THR A 149 14.63 4.36 19.28
CA THR A 149 13.15 4.28 19.29
C THR A 149 12.69 2.82 19.28
N LEU A 150 13.34 1.95 18.51
CA LEU A 150 12.88 0.54 18.43
C LEU A 150 13.13 -0.13 19.77
N ALA A 151 14.27 0.16 20.37
CA ALA A 151 14.65 -0.49 21.66
C ALA A 151 13.58 -0.09 22.67
N GLN A 152 13.18 1.17 22.67
CA GLN A 152 12.11 1.68 23.56
C GLN A 152 10.79 0.97 23.25
N THR A 153 10.40 0.91 21.97
CA THR A 153 9.14 0.22 21.56
C THR A 153 9.17 -1.23 22.09
N LEU A 154 10.26 -1.97 21.88
CA LEU A 154 10.28 -3.42 22.20
C LEU A 154 10.22 -3.62 23.72
N ALA A 155 10.86 -2.75 24.47
CA ALA A 155 10.85 -2.78 25.95
C ALA A 155 9.42 -2.60 26.43
N LEU A 156 8.67 -1.67 25.85
CA LEU A 156 7.26 -1.46 26.23
C LEU A 156 6.41 -2.66 25.80
N LEU A 157 6.62 -3.20 24.60
CA LEU A 157 5.89 -4.37 24.11
C LEU A 157 6.14 -5.54 25.07
N ASP A 158 7.37 -5.71 25.54
CA ASP A 158 7.74 -6.88 26.39
C ASP A 158 7.01 -6.79 27.75
N GLU A 159 6.45 -5.64 28.11
CA GLU A 159 5.60 -5.50 29.34
C GLU A 159 4.23 -6.14 29.12
N LEU A 160 3.77 -6.30 27.87
CA LEU A 160 2.40 -6.83 27.68
C LEU A 160 2.38 -8.34 27.91
N PRO A 161 1.30 -8.84 28.53
CA PRO A 161 1.10 -10.27 28.71
C PRO A 161 0.63 -10.99 27.46
N PRO A 162 0.78 -12.33 27.38
CA PRO A 162 0.43 -13.10 26.19
C PRO A 162 -1.04 -13.05 25.75
N ASP A 163 -1.95 -12.78 26.71
CA ASP A 163 -3.38 -12.59 26.44
C ASP A 163 -3.72 -11.09 26.32
N ALA A 164 -2.76 -10.22 26.02
CA ALA A 164 -3.00 -8.77 25.81
C ALA A 164 -4.18 -8.56 24.84
N HIS A 165 -5.11 -7.68 25.18
CA HIS A 165 -6.31 -7.37 24.35
C HIS A 165 -5.84 -6.65 23.07
N ASP A 166 -6.70 -6.61 22.05
CA ASP A 166 -6.53 -5.82 20.80
C ASP A 166 -6.22 -4.34 21.12
N ASP A 167 -6.89 -3.73 22.09
CA ASP A 167 -6.64 -2.32 22.51
C ASP A 167 -5.21 -2.14 22.99
N ALA A 168 -4.71 -3.06 23.80
CA ALA A 168 -3.34 -3.02 24.36
C ALA A 168 -2.30 -3.12 23.21
N LEU A 169 -2.57 -3.97 22.23
CA LEU A 169 -1.63 -4.24 21.09
C LEU A 169 -1.80 -3.24 19.94
N TYR A 170 -2.91 -2.51 19.90
CA TYR A 170 -3.36 -1.66 18.76
C TYR A 170 -2.21 -0.86 18.16
N PHE A 171 -1.50 -0.05 18.96
CA PHE A 171 -0.48 0.88 18.43
C PHE A 171 0.78 0.14 17.93
N PHE A 172 1.19 -0.94 18.59
CA PHE A 172 2.32 -1.80 18.18
C PHE A 172 2.04 -2.37 16.78
N ARG A 173 0.81 -2.81 16.55
CA ARG A 173 0.34 -3.35 15.26
C ARG A 173 0.31 -2.21 14.24
N LEU A 174 -0.22 -1.05 14.63
CA LEU A 174 -0.32 0.11 13.72
C LEU A 174 1.09 0.54 13.23
N VAL A 175 2.07 0.70 14.13
CA VAL A 175 3.44 1.17 13.76
C VAL A 175 4.17 0.10 12.93
N ALA A 176 3.92 -1.19 13.15
CA ALA A 176 4.53 -2.22 12.29
C ALA A 176 3.96 -2.07 10.87
N LEU A 177 2.66 -1.92 10.74
CA LEU A 177 2.02 -1.78 9.41
C LEU A 177 2.48 -0.49 8.73
N HIS A 178 2.63 0.59 9.47
CA HIS A 178 3.04 1.90 8.90
C HIS A 178 4.43 1.74 8.30
N GLU A 179 5.31 1.02 8.99
CA GLU A 179 6.70 0.85 8.56
C GLU A 179 6.72 -0.05 7.32
N ALA A 180 5.87 -1.07 7.25
CA ALA A 180 5.69 -1.87 6.03
C ALA A 180 5.31 -0.95 4.88
N MET A 181 4.35 -0.04 5.07
CA MET A 181 3.91 0.87 3.98
C MET A 181 5.07 1.70 3.46
N HIS A 182 5.89 2.25 4.34
CA HIS A 182 7.04 3.10 3.93
C HIS A 182 8.09 2.24 3.23
N ALA A 183 8.23 0.95 3.56
CA ALA A 183 9.19 0.07 2.88
C ALA A 183 8.76 -0.13 1.42
N GLU A 184 7.49 -0.40 1.19
CA GLU A 184 6.98 -0.55 -0.20
C GLU A 184 7.21 0.78 -0.94
N ALA A 185 6.92 1.94 -0.31
CA ALA A 185 7.14 3.27 -0.92
C ALA A 185 8.62 3.43 -1.31
N ALA A 186 9.54 2.99 -0.46
CA ALA A 186 10.99 3.00 -0.79
C ALA A 186 11.21 2.20 -2.09
N ALA A 187 10.56 1.04 -2.21
CA ALA A 187 10.65 0.20 -3.42
C ALA A 187 10.09 0.95 -4.64
N TYR A 188 8.89 1.52 -4.60
CA TYR A 188 8.35 2.14 -5.84
C TYR A 188 9.07 3.46 -6.12
N MET A 189 9.51 4.16 -5.09
CA MET A 189 10.31 5.39 -5.33
C MET A 189 11.65 4.98 -5.96
N ALA A 190 12.33 3.97 -5.44
CA ALA A 190 13.60 3.45 -6.01
C ALA A 190 13.38 3.16 -7.50
N GLU A 191 12.32 2.45 -7.83
CA GLU A 191 12.07 2.07 -9.26
C GLU A 191 11.93 3.33 -10.12
N GLY A 192 11.17 4.32 -9.62
CA GLY A 192 11.02 5.65 -10.24
C GLY A 192 12.34 6.34 -10.48
N LEU A 193 13.25 6.35 -9.48
CA LEU A 193 14.59 6.99 -9.53
C LEU A 193 15.60 6.13 -10.30
N GLY A 194 15.18 4.97 -10.82
CA GLY A 194 16.06 3.99 -11.49
C GLY A 194 17.10 3.40 -10.56
N ILE A 195 16.76 3.19 -9.29
CA ILE A 195 17.70 2.62 -8.27
C ILE A 195 17.40 1.13 -8.08
N ALA A 196 18.44 0.29 -8.15
CA ALA A 196 18.32 -1.18 -8.03
C ALA A 196 18.28 -1.61 -6.55
N LEU A 197 17.39 -2.52 -6.19
CA LEU A 197 17.32 -3.12 -4.84
C LEU A 197 17.82 -4.56 -4.86
N ARG A 198 18.24 -5.06 -3.71
CA ARG A 198 18.57 -6.50 -3.50
C ARG A 198 17.32 -7.38 -3.46
N GLU A 199 16.21 -6.93 -2.85
CA GLU A 199 15.02 -7.80 -2.57
C GLU A 199 14.26 -8.11 -3.87
N LEU A 206 3.98 -14.64 -14.07
CA LEU A 206 2.59 -15.14 -13.93
C LEU A 206 2.56 -16.62 -14.36
N ALA A 207 1.47 -17.33 -14.01
CA ALA A 207 1.14 -18.72 -14.42
C ALA A 207 0.23 -18.69 -15.66
N GLU A 208 -0.31 -19.85 -16.06
CA GLU A 208 -1.32 -19.92 -17.14
C GLU A 208 -2.53 -19.05 -16.77
N ASP A 209 -3.12 -18.36 -17.75
CA ASP A 209 -4.40 -17.61 -17.64
C ASP A 209 -5.55 -18.60 -17.50
N ALA A 210 -6.61 -18.17 -16.81
CA ALA A 210 -7.85 -18.94 -16.58
C ALA A 210 -8.91 -17.92 -16.17
N GLU A 211 -10.15 -18.24 -16.45
CA GLU A 211 -11.31 -17.44 -16.00
C GLU A 211 -12.01 -18.24 -14.92
N LEU A 212 -12.48 -17.57 -13.88
CA LEU A 212 -13.14 -18.24 -12.74
C LEU A 212 -14.58 -17.75 -12.69
N GLU A 213 -15.46 -18.67 -12.32
CA GLU A 213 -16.89 -18.44 -12.04
C GLU A 213 -17.01 -17.90 -10.62
N LEU A 214 -17.61 -16.72 -10.46
CA LEU A 214 -17.99 -16.20 -9.13
C LEU A 214 -19.51 -16.22 -9.06
N PRO A 215 -20.12 -17.15 -8.30
CA PRO A 215 -21.56 -17.24 -8.24
C PRO A 215 -22.19 -16.09 -7.43
N ALA A 216 -23.45 -15.79 -7.73
CA ALA A 216 -24.31 -14.91 -6.91
C ALA A 216 -24.13 -15.26 -5.44
N GLN A 217 -23.82 -14.26 -4.60
CA GLN A 217 -23.68 -14.52 -3.16
C GLN A 217 -23.68 -13.24 -2.35
N ARG A 218 -23.83 -13.41 -1.05
CA ARG A 218 -23.73 -12.32 -0.07
C ARG A 218 -22.29 -12.33 0.45
N LEU A 219 -21.62 -11.18 0.43
CA LEU A 219 -20.26 -11.01 1.00
C LEU A 219 -20.39 -10.21 2.28
N ARG A 220 -19.86 -10.73 3.38
CA ARG A 220 -19.62 -9.89 4.57
C ARG A 220 -18.31 -9.14 4.34
N MET A 221 -18.41 -7.90 3.83
CA MET A 221 -17.28 -7.10 3.35
C MET A 221 -16.63 -6.36 4.53
N GLY A 222 -15.31 -6.23 4.50
CA GLY A 222 -14.54 -5.48 5.50
C GLY A 222 -14.12 -6.33 6.68
N SER A 223 -13.64 -5.70 7.75
CA SER A 223 -13.03 -6.43 8.88
C SER A 223 -14.06 -6.54 10.02
N ASP A 224 -14.40 -7.74 10.48
CA ASP A 224 -15.41 -7.91 11.57
C ASP A 224 -14.81 -7.46 12.91
N ALA A 225 -15.62 -7.03 13.87
CA ALA A 225 -15.14 -6.69 15.23
C ALA A 225 -14.50 -7.95 15.85
N GLY A 226 -13.39 -7.80 16.58
CA GLY A 226 -12.59 -8.88 17.21
C GLY A 226 -12.08 -9.93 16.23
N THR A 227 -11.55 -9.52 15.08
CA THR A 227 -10.69 -10.32 14.15
C THR A 227 -9.26 -9.78 14.33
N GLY A 228 -9.07 -8.93 15.33
CA GLY A 228 -7.80 -8.26 15.58
C GLY A 228 -7.79 -6.91 14.89
N PHE A 229 -6.60 -6.41 14.62
CA PHE A 229 -6.40 -5.05 14.07
C PHE A 229 -7.14 -4.90 12.75
N ALA A 230 -7.84 -3.77 12.57
CA ALA A 230 -8.44 -3.34 11.31
C ALA A 230 -8.01 -1.91 11.06
N PHE A 231 -7.75 -1.60 9.80
CA PHE A 231 -7.60 -0.19 9.38
C PHE A 231 -9.00 0.41 9.47
N ASP A 232 -9.08 1.71 9.73
CA ASP A 232 -10.40 2.37 9.97
C ASP A 232 -11.26 2.24 8.72
N ASN A 233 -10.65 2.24 7.54
CA ASN A 233 -11.38 2.20 6.24
C ASN A 233 -11.93 0.81 5.94
N GLU A 234 -11.62 -0.17 6.77
CA GLU A 234 -12.19 -1.53 6.62
C GLU A 234 -13.50 -1.67 7.38
N LEU A 235 -13.93 -0.64 8.09
CA LEU A 235 -15.09 -0.69 9.05
C LEU A 235 -16.18 0.28 8.61
N LEU A 236 -17.43 -0.06 8.91
CA LEU A 236 -17.83 -1.34 9.51
C LEU A 236 -17.87 -2.48 8.49
N SER A 237 -17.71 -3.70 8.96
CA SER A 237 -18.01 -4.88 8.13
C SER A 237 -19.52 -4.85 7.86
N HIS A 238 -19.92 -5.26 6.68
CA HIS A 238 -21.32 -5.02 6.25
C HIS A 238 -21.61 -5.98 5.12
N ASP A 239 -22.82 -6.51 5.08
CA ASP A 239 -23.22 -7.47 4.03
C ASP A 239 -23.49 -6.68 2.76
N VAL A 240 -23.01 -7.23 1.64
CA VAL A 240 -23.18 -6.67 0.27
C VAL A 240 -23.60 -7.82 -0.62
N SER A 241 -24.37 -7.54 -1.66
CA SER A 241 -24.77 -8.55 -2.66
C SER A 241 -23.73 -8.58 -3.76
N ILE A 242 -23.29 -9.78 -4.11
CA ILE A 242 -22.35 -9.98 -5.26
C ILE A 242 -23.15 -10.61 -6.39
N GLU A 243 -23.10 -9.99 -7.55
CA GLU A 243 -23.72 -10.49 -8.78
C GLU A 243 -22.80 -11.53 -9.39
N PRO A 244 -23.37 -12.53 -10.08
CA PRO A 244 -22.56 -13.56 -10.70
C PRO A 244 -21.66 -12.90 -11.76
N LEU A 245 -20.43 -13.39 -11.87
CA LEU A 245 -19.52 -12.89 -12.90
C LEU A 245 -18.49 -13.98 -13.21
N ARG A 246 -17.68 -13.69 -14.20
CA ARG A 246 -16.48 -14.46 -14.59
C ARG A 246 -15.32 -13.51 -14.40
N ILE A 247 -14.25 -13.96 -13.72
CA ILE A 247 -13.14 -13.07 -13.31
C ILE A 247 -11.82 -13.77 -13.66
N ASP A 248 -10.88 -12.99 -14.18
CA ASP A 248 -9.49 -13.42 -14.42
C ASP A 248 -8.96 -14.10 -13.17
N ALA A 249 -8.30 -15.24 -13.35
CA ALA A 249 -7.67 -16.01 -12.26
C ALA A 249 -6.44 -15.26 -11.78
N GLN A 250 -5.82 -14.49 -12.64
CA GLN A 250 -4.60 -13.70 -12.32
C GLN A 250 -4.67 -12.33 -12.96
N ALA A 251 -3.83 -11.44 -12.46
CA ALA A 251 -3.65 -10.09 -13.03
C ALA A 251 -3.37 -10.19 -14.54
N VAL A 252 -3.76 -9.16 -15.29
CA VAL A 252 -3.51 -9.06 -16.75
C VAL A 252 -2.00 -9.00 -17.02
N SER A 253 -1.51 -9.89 -17.89
CA SER A 253 -0.09 -10.02 -18.29
C SER A 253 0.22 -8.99 -19.37
N TRP A 254 1.49 -8.71 -19.57
CA TRP A 254 1.94 -7.91 -20.72
C TRP A 254 1.44 -8.58 -21.99
N ALA A 255 1.45 -9.91 -22.06
CA ALA A 255 1.02 -10.66 -23.27
C ALA A 255 -0.45 -10.33 -23.56
N ARG A 256 -1.31 -10.25 -22.52
CA ARG A 256 -2.75 -9.96 -22.68
C ARG A 256 -2.98 -8.46 -22.87
N PHE A 257 -2.10 -7.63 -22.30
CA PHE A 257 -2.24 -6.16 -22.36
C PHE A 257 -1.79 -5.59 -23.70
N LEU A 258 -0.63 -6.03 -24.19
CA LEU A 258 0.01 -5.36 -25.35
C LEU A 258 -0.84 -5.47 -26.63
N PRO A 259 -1.64 -6.51 -26.88
CA PRO A 259 -2.53 -6.51 -28.05
C PRO A 259 -3.50 -5.30 -28.13
N PHE A 260 -3.84 -4.67 -27.00
CA PHE A 260 -4.64 -3.43 -26.96
C PHE A 260 -3.82 -2.29 -27.53
N VAL A 261 -2.54 -2.26 -27.21
CA VAL A 261 -1.61 -1.20 -27.66
C VAL A 261 -1.39 -1.43 -29.17
N GLU A 262 -1.21 -2.68 -29.57
CA GLU A 262 -0.84 -2.97 -30.98
C GLU A 262 -2.10 -2.76 -31.85
N ALA A 263 -3.32 -2.88 -31.29
CA ALA A 263 -4.60 -2.56 -31.98
C ALA A 263 -4.92 -1.06 -31.98
N GLY A 264 -3.98 -0.19 -31.59
CA GLY A 264 -4.12 1.27 -31.68
C GLY A 264 -4.85 1.87 -30.47
N GLY A 265 -4.95 1.13 -29.37
CA GLY A 265 -5.77 1.54 -28.20
C GLY A 265 -5.43 2.92 -27.64
N TYR A 266 -4.16 3.32 -27.63
CA TYR A 266 -3.68 4.62 -27.11
C TYR A 266 -3.84 5.73 -28.16
N GLU A 267 -4.51 5.46 -29.30
CA GLU A 267 -4.92 6.51 -30.26
C GLU A 267 -6.41 6.37 -30.63
N HIS A 268 -7.18 5.56 -29.89
CA HIS A 268 -8.65 5.54 -30.03
C HIS A 268 -9.25 6.08 -28.74
N PRO A 269 -9.38 7.43 -28.60
CA PRO A 269 -9.97 8.04 -27.42
C PRO A 269 -11.30 7.41 -27.00
N ALA A 270 -12.00 6.69 -27.89
CA ALA A 270 -13.33 6.13 -27.58
C ALA A 270 -13.23 5.00 -26.57
N TRP A 271 -12.07 4.36 -26.37
CA TRP A 271 -11.93 3.28 -25.35
C TRP A 271 -11.90 3.88 -23.95
N TRP A 272 -11.57 5.18 -23.85
CA TRP A 272 -11.21 5.89 -22.60
C TRP A 272 -12.41 6.62 -22.00
N SER A 273 -12.40 6.80 -20.67
CA SER A 273 -13.32 7.70 -19.92
C SER A 273 -12.99 9.17 -20.28
N ASP A 274 -13.83 10.15 -19.88
CA ASP A 274 -13.44 11.58 -20.08
C ASP A 274 -12.14 11.93 -19.37
N ALA A 275 -12.00 11.49 -18.13
CA ALA A 275 -10.76 11.73 -17.35
C ALA A 275 -9.62 11.05 -18.11
N GLY A 276 -9.87 9.86 -18.65
CA GLY A 276 -8.83 9.10 -19.37
C GLY A 276 -8.37 9.82 -20.64
N ARG A 277 -9.32 10.31 -21.44
CA ARG A 277 -9.06 11.14 -22.66
C ARG A 277 -8.13 12.31 -22.30
N ASP A 278 -8.49 13.09 -21.27
CA ASP A 278 -7.72 14.27 -20.81
C ASP A 278 -6.32 13.87 -20.41
N TRP A 279 -6.20 12.74 -19.71
CA TRP A 279 -4.88 12.14 -19.38
C TRP A 279 -4.15 11.77 -20.68
N LEU A 280 -4.82 11.02 -21.55
CA LEU A 280 -4.23 10.44 -22.79
C LEU A 280 -3.73 11.59 -23.68
N ALA A 281 -4.55 12.63 -23.88
CA ALA A 281 -4.23 13.81 -24.72
C ALA A 281 -2.98 14.54 -24.20
N ARG A 282 -2.63 14.35 -22.92
CA ARG A 282 -1.50 15.06 -22.24
C ARG A 282 -0.25 14.19 -22.25
N GLN A 283 -0.27 13.05 -22.96
CA GLN A 283 0.82 12.04 -22.96
C GLN A 283 1.70 12.18 -24.22
N LEU A 284 3.02 12.25 -24.02
CA LEU A 284 4.06 12.24 -25.10
C LEU A 284 4.09 10.88 -25.79
N LEU A 285 4.33 9.82 -25.03
CA LEU A 285 4.39 8.42 -25.52
C LEU A 285 2.99 7.79 -25.40
N ARG A 286 2.40 7.34 -26.52
CA ARG A 286 1.06 6.69 -26.58
C ARG A 286 1.25 5.19 -26.39
N HIS A 287 1.81 4.83 -25.24
CA HIS A 287 2.10 3.45 -24.79
C HIS A 287 2.44 3.53 -23.31
N PRO A 288 2.35 2.40 -22.57
CA PRO A 288 2.70 2.40 -21.15
C PRO A 288 4.03 3.08 -20.75
N ALA A 289 4.06 3.53 -19.50
CA ALA A 289 5.25 3.93 -18.72
C ALA A 289 6.24 2.76 -18.65
N HIS A 290 7.50 3.04 -18.98
CA HIS A 290 8.67 2.14 -18.75
C HIS A 290 8.85 1.20 -19.94
N LEU A 291 8.06 1.35 -21.02
CA LEU A 291 8.16 0.52 -22.26
C LEU A 291 8.70 1.36 -23.43
N ARG A 292 9.91 1.05 -23.93
CA ARG A 292 10.67 1.85 -24.93
C ARG A 292 10.44 1.28 -26.34
N TRP A 298 9.46 -4.86 -27.41
CA TRP A 298 9.42 -3.90 -26.27
C TRP A 298 10.58 -4.17 -25.28
N GLN A 299 11.10 -3.11 -24.68
CA GLN A 299 11.98 -3.21 -23.47
C GLN A 299 11.24 -2.60 -22.27
N GLN A 300 11.82 -2.71 -21.06
CA GLN A 300 11.27 -2.17 -19.79
C GLN A 300 12.42 -1.62 -18.93
N ARG A 301 12.17 -0.51 -18.21
CA ARG A 301 13.05 0.02 -17.12
C ARG A 301 14.16 0.89 -17.71
N TRP A 306 17.22 -0.92 -18.62
CA TRP A 306 16.39 -1.00 -19.87
C TRP A 306 16.47 -2.40 -20.50
N LEU A 307 15.85 -3.41 -19.88
CA LEU A 307 15.95 -4.83 -20.31
C LEU A 307 14.77 -5.21 -21.20
N PRO A 308 14.83 -6.35 -21.92
CA PRO A 308 13.75 -6.72 -22.84
C PRO A 308 12.50 -7.10 -22.03
N LEU A 309 11.32 -7.02 -22.63
CA LEU A 309 10.01 -7.09 -21.93
C LEU A 309 9.60 -8.57 -21.80
N ASP A 310 9.23 -9.03 -20.59
CA ASP A 310 8.72 -10.41 -20.36
C ASP A 310 7.21 -10.43 -20.55
N PRO A 311 6.68 -10.98 -21.65
CA PRO A 311 5.23 -11.08 -21.85
C PRO A 311 4.48 -11.81 -20.73
N GLN A 312 5.15 -12.69 -19.98
CA GLN A 312 4.54 -13.52 -18.91
C GLN A 312 4.44 -12.70 -17.62
N GLY A 313 5.10 -11.54 -17.54
CA GLY A 313 5.02 -10.67 -16.36
C GLY A 313 3.68 -9.95 -16.29
N ALA A 314 3.21 -9.67 -15.07
CA ALA A 314 2.01 -8.85 -14.83
C ALA A 314 2.29 -7.45 -15.41
N ALA A 315 1.37 -6.94 -16.22
CA ALA A 315 1.33 -5.52 -16.61
C ALA A 315 1.38 -4.69 -15.33
N VAL A 316 2.21 -3.68 -15.33
CA VAL A 316 2.56 -2.92 -14.11
C VAL A 316 2.91 -1.50 -14.49
N HIS A 317 2.71 -0.58 -13.56
CA HIS A 317 2.85 0.89 -13.75
C HIS A 317 1.80 1.36 -14.74
N LEU A 318 0.60 0.78 -14.67
CA LEU A 318 -0.59 1.24 -15.41
C LEU A 318 -1.42 2.03 -14.44
N ASN A 319 -2.03 3.12 -14.89
CA ASN A 319 -3.01 3.84 -14.04
C ASN A 319 -4.42 3.28 -14.34
N ALA A 320 -5.41 3.78 -13.61
CA ALA A 320 -6.81 3.31 -13.69
C ALA A 320 -7.34 3.55 -15.12
N HIS A 321 -6.97 4.65 -15.74
CA HIS A 321 -7.48 5.09 -17.07
C HIS A 321 -7.04 4.04 -18.12
N GLU A 322 -5.77 3.62 -18.06
CA GLU A 322 -5.19 2.59 -18.97
C GLU A 322 -5.87 1.23 -18.73
N ALA A 323 -6.03 0.82 -17.47
CA ALA A 323 -6.77 -0.42 -17.09
C ALA A 323 -8.22 -0.37 -17.64
N GLU A 324 -8.94 0.74 -17.46
CA GLU A 324 -10.36 0.81 -17.91
C GLU A 324 -10.48 0.75 -19.45
N ALA A 325 -9.57 1.41 -20.15
CA ALA A 325 -9.55 1.48 -21.62
C ALA A 325 -9.27 0.07 -22.18
N TRP A 326 -8.29 -0.65 -21.62
CA TRP A 326 -8.08 -2.07 -22.01
C TRP A 326 -9.38 -2.85 -21.81
N CYS A 327 -10.07 -2.60 -20.69
CA CYS A 327 -11.31 -3.34 -20.37
C CYS A 327 -12.36 -3.10 -21.47
N ARG A 328 -12.53 -1.84 -21.86
CA ARG A 328 -13.60 -1.50 -22.87
C ARG A 328 -13.24 -2.23 -24.18
N TRP A 329 -11.99 -2.13 -24.63
CA TRP A 329 -11.43 -2.85 -25.82
C TRP A 329 -11.68 -4.37 -25.73
N ALA A 330 -11.49 -4.98 -24.55
CA ALA A 330 -11.60 -6.43 -24.35
C ALA A 330 -13.06 -6.84 -24.21
N GLY A 331 -13.96 -5.88 -24.09
CA GLY A 331 -15.36 -6.13 -23.71
C GLY A 331 -15.40 -6.68 -22.30
N ARG A 332 -14.56 -6.16 -21.40
CA ARG A 332 -14.56 -6.65 -20.00
C ARG A 332 -14.68 -5.43 -19.10
N ARG A 333 -14.54 -5.61 -17.79
CA ARG A 333 -14.60 -4.46 -16.86
C ARG A 333 -13.70 -4.73 -15.66
N LEU A 334 -13.42 -3.66 -14.91
CA LEU A 334 -12.73 -3.83 -13.62
C LEU A 334 -13.74 -4.43 -12.66
N PRO A 335 -13.29 -5.22 -11.67
CA PRO A 335 -14.16 -5.63 -10.58
C PRO A 335 -14.42 -4.42 -9.69
N THR A 336 -15.56 -4.41 -9.00
CA THR A 336 -15.73 -3.55 -7.80
C THR A 336 -14.82 -4.13 -6.70
N GLU A 337 -14.49 -3.34 -5.69
CA GLU A 337 -13.64 -3.93 -4.63
C GLU A 337 -14.39 -5.06 -3.92
N ALA A 338 -15.71 -5.00 -3.81
CA ALA A 338 -16.53 -6.08 -3.22
C ALA A 338 -16.36 -7.38 -4.03
N GLU A 339 -16.46 -7.30 -5.33
CA GLU A 339 -16.31 -8.49 -6.21
C GLU A 339 -14.90 -9.04 -6.02
N TRP A 340 -13.92 -8.15 -5.98
CA TRP A 340 -12.50 -8.52 -5.80
C TRP A 340 -12.32 -9.27 -4.48
N GLU A 341 -12.76 -8.68 -3.37
CA GLU A 341 -12.65 -9.27 -2.01
C GLU A 341 -13.34 -10.64 -1.99
N CYS A 342 -14.54 -10.69 -2.55
CA CYS A 342 -15.35 -11.93 -2.54
C CYS A 342 -14.58 -13.04 -3.27
N ALA A 343 -14.09 -12.75 -4.46
CA ALA A 343 -13.32 -13.70 -5.28
C ALA A 343 -12.07 -14.14 -4.52
N ALA A 344 -11.34 -13.18 -3.95
CA ALA A 344 -10.07 -13.47 -3.24
C ALA A 344 -10.33 -14.44 -2.10
N LEU A 345 -11.44 -14.31 -1.37
CA LEU A 345 -11.73 -15.12 -0.17
C LEU A 345 -12.44 -16.44 -0.51
N THR A 346 -12.99 -16.60 -1.72
CA THR A 346 -13.83 -17.80 -1.97
C THR A 346 -13.31 -18.69 -3.09
N LEU A 347 -12.47 -18.17 -3.98
CA LEU A 347 -12.06 -18.91 -5.20
C LEU A 347 -10.62 -19.37 -5.05
N PRO A 348 -10.34 -20.66 -4.79
CA PRO A 348 -8.94 -21.08 -4.62
C PRO A 348 -8.01 -20.83 -5.82
N GLY A 349 -8.53 -20.75 -7.04
CA GLY A 349 -7.70 -20.48 -8.25
C GLY A 349 -7.42 -19.00 -8.44
N PHE A 350 -7.97 -18.14 -7.58
CA PHE A 350 -7.77 -16.68 -7.68
C PHE A 350 -6.39 -16.36 -7.08
N ALA A 351 -5.44 -16.04 -7.95
CA ALA A 351 -4.04 -15.77 -7.58
C ALA A 351 -3.82 -14.25 -7.56
N TRP A 352 -3.32 -13.72 -6.46
CA TRP A 352 -3.01 -12.27 -6.33
C TRP A 352 -1.68 -12.04 -5.61
N GLY A 353 -1.29 -10.79 -5.47
CA GLY A 353 -0.08 -10.40 -4.77
C GLY A 353 1.05 -10.02 -5.72
N ARG A 354 0.82 -10.02 -7.03
CA ARG A 354 1.89 -9.71 -8.01
C ARG A 354 1.96 -8.20 -8.23
N VAL A 355 0.81 -7.58 -8.52
CA VAL A 355 0.65 -6.12 -8.67
C VAL A 355 -0.59 -5.69 -7.87
N TRP A 356 -0.60 -4.46 -7.38
CA TRP A 356 -1.87 -3.88 -6.86
C TRP A 356 -2.81 -3.89 -8.05
N GLU A 357 -4.10 -4.02 -7.82
CA GLU A 357 -5.11 -4.11 -8.89
C GLU A 357 -6.15 -3.00 -8.75
N TRP A 358 -6.22 -2.12 -9.73
CA TRP A 358 -7.29 -1.11 -9.83
C TRP A 358 -8.65 -1.79 -9.82
N THR A 359 -9.55 -1.30 -8.97
CA THR A 359 -10.96 -1.62 -8.98
C THR A 359 -11.70 -0.44 -9.62
N SER A 360 -12.99 -0.65 -9.89
CA SER A 360 -13.91 0.43 -10.31
C SER A 360 -14.37 1.26 -9.09
N SER A 361 -13.97 0.91 -7.87
CA SER A 361 -14.57 1.51 -6.65
C SER A 361 -13.81 2.76 -6.24
N PRO A 362 -14.46 3.95 -6.14
CA PRO A 362 -13.84 5.10 -5.50
C PRO A 362 -13.53 4.80 -4.02
N PHE A 363 -12.46 5.38 -3.50
CA PHE A 363 -12.13 5.24 -2.07
C PHE A 363 -13.18 6.07 -1.30
N GLU A 364 -14.15 5.38 -0.71
CA GLU A 364 -15.24 6.00 0.10
C GLU A 364 -15.41 5.19 1.38
N PRO A 365 -15.90 5.82 2.46
CA PRO A 365 -16.14 5.11 3.71
C PRO A 365 -17.15 3.98 3.49
N TYR A 366 -16.90 2.87 4.15
CA TYR A 366 -17.95 1.86 4.40
C TYR A 366 -19.00 2.47 5.33
N PRO A 367 -20.22 1.92 5.36
CA PRO A 367 -21.18 2.34 6.39
C PRO A 367 -20.53 2.27 7.77
N GLY A 368 -20.71 3.33 8.57
CA GLY A 368 -20.28 3.35 9.97
C GLY A 368 -18.81 3.64 10.15
N PHE A 369 -18.14 4.05 9.08
CA PHE A 369 -16.71 4.49 9.13
C PHE A 369 -16.54 5.54 10.23
N ALA A 370 -15.50 5.41 11.03
CA ALA A 370 -15.05 6.46 11.97
C ALA A 370 -13.53 6.49 11.86
N PRO A 371 -12.93 7.68 11.77
CA PRO A 371 -11.47 7.75 11.72
C PRO A 371 -10.89 7.22 13.05
N HIS A 372 -9.81 6.44 12.94
CA HIS A 372 -9.02 5.93 14.08
C HIS A 372 -7.97 6.99 14.46
N PRO A 373 -7.27 6.79 15.60
CA PRO A 373 -6.44 7.86 16.16
C PRO A 373 -5.43 8.48 15.20
N TYR A 374 -4.84 7.73 14.27
CA TYR A 374 -4.13 8.33 13.11
C TYR A 374 -5.19 8.85 12.13
N ARG A 375 -5.76 10.03 12.45
CA ARG A 375 -7.02 10.53 11.85
C ARG A 375 -6.89 10.73 10.34
N ASP A 376 -5.72 11.16 9.89
CA ASP A 376 -5.48 11.56 8.49
C ASP A 376 -5.16 10.33 7.63
N TYR A 377 -5.19 9.11 8.16
CA TYR A 377 -4.81 7.93 7.34
C TYR A 377 -5.75 7.78 6.15
N SER A 378 -7.07 7.82 6.37
CA SER A 378 -8.07 7.48 5.33
C SER A 378 -8.87 8.72 4.98
N ALA A 379 -9.41 9.38 6.00
CA ALA A 379 -10.55 10.32 5.89
C ALA A 379 -10.28 11.44 4.90
N PRO A 380 -9.11 12.09 4.84
CA PRO A 380 -8.91 13.17 3.86
C PRO A 380 -8.88 12.77 2.39
N TRP A 381 -8.78 11.48 2.13
CA TRP A 381 -8.47 10.95 0.77
C TRP A 381 -9.71 10.34 0.10
N PHE A 382 -10.88 10.37 0.72
CA PHE A 382 -12.12 9.86 0.09
C PHE A 382 -12.46 10.70 -1.15
N GLY A 383 -13.00 10.09 -2.20
CA GLY A 383 -13.49 10.79 -3.42
C GLY A 383 -12.42 10.85 -4.50
N THR A 384 -11.27 11.38 -4.12
CA THR A 384 -10.17 11.77 -5.02
C THR A 384 -9.28 10.55 -5.27
N ARG A 385 -9.48 9.47 -4.52
CA ARG A 385 -8.63 8.26 -4.66
C ARG A 385 -9.51 7.17 -5.23
N ARG A 386 -8.92 6.28 -6.00
CA ARG A 386 -9.54 5.01 -6.45
C ARG A 386 -8.96 3.88 -5.61
N VAL A 387 -9.78 2.88 -5.28
CA VAL A 387 -9.35 1.69 -4.51
C VAL A 387 -8.58 0.74 -5.41
N LEU A 388 -7.41 0.28 -4.94
CA LEU A 388 -6.71 -0.90 -5.46
C LEU A 388 -6.73 -1.96 -4.38
N ARG A 389 -6.83 -3.20 -4.81
CA ARG A 389 -6.85 -4.34 -3.92
C ARG A 389 -5.67 -5.23 -4.21
N GLY A 390 -5.41 -6.15 -3.29
CA GLY A 390 -4.43 -7.21 -3.43
C GLY A 390 -3.15 -6.75 -2.77
N ALA A 391 -2.04 -6.96 -3.47
CA ALA A 391 -0.69 -6.55 -3.01
C ALA A 391 0.25 -6.67 -4.21
N CYS A 392 1.46 -6.17 -4.07
CA CYS A 392 2.49 -6.34 -5.15
C CYS A 392 3.71 -7.06 -4.55
N HIS A 393 4.69 -7.39 -5.37
CA HIS A 393 5.90 -8.14 -4.94
C HIS A 393 6.60 -7.39 -3.82
N ALA A 394 6.49 -6.06 -3.78
CA ALA A 394 7.16 -5.19 -2.79
C ALA A 394 6.32 -4.96 -1.52
N THR A 395 5.14 -5.55 -1.43
CA THR A 395 4.31 -5.42 -0.22
C THR A 395 4.80 -6.41 0.81
N SER A 396 4.93 -6.01 2.06
CA SER A 396 5.30 -6.94 3.16
CA SER A 396 5.29 -6.94 3.16
C SER A 396 4.25 -8.06 3.25
N ALA A 397 4.71 -9.28 3.50
CA ALA A 397 3.82 -10.44 3.77
C ALA A 397 2.95 -10.11 5.02
N ALA A 398 3.43 -9.27 5.93
CA ALA A 398 2.70 -8.91 7.17
C ALA A 398 1.57 -7.93 6.84
N LEU A 399 1.62 -7.21 5.73
CA LEU A 399 0.54 -6.24 5.38
C LEU A 399 -0.43 -6.85 4.37
N ALA A 400 0.08 -7.53 3.36
CA ALA A 400 -0.69 -8.04 2.20
C ALA A 400 -1.92 -8.80 2.72
N HIS A 401 -3.13 -8.36 2.39
CA HIS A 401 -4.38 -8.89 3.01
C HIS A 401 -5.59 -8.61 2.10
N ALA A 402 -6.51 -9.55 2.02
CA ALA A 402 -7.68 -9.46 1.11
C ALA A 402 -8.69 -8.37 1.53
N ARG A 403 -8.67 -7.86 2.78
CA ARG A 403 -9.59 -6.79 3.22
C ARG A 403 -8.92 -5.43 3.06
N TYR A 404 -7.63 -5.40 2.76
CA TYR A 404 -6.86 -4.13 2.77
C TYR A 404 -7.25 -3.29 1.56
N ARG A 405 -7.48 -2.01 1.82
CA ARG A 405 -7.91 -1.07 0.76
C ARG A 405 -6.73 -0.14 0.47
N ASN A 406 -6.10 -0.27 -0.67
CA ASN A 406 -5.06 0.68 -1.11
C ASN A 406 -5.78 1.79 -1.85
N PHE A 407 -5.29 3.03 -1.79
CA PHE A 407 -6.01 4.19 -2.34
C PHE A 407 -5.01 5.21 -2.88
N PHE A 408 -5.11 5.46 -4.20
CA PHE A 408 -4.25 6.41 -4.94
C PHE A 408 -5.14 7.11 -5.96
N GLU A 409 -4.71 8.30 -6.34
CA GLU A 409 -5.38 9.04 -7.42
C GLU A 409 -5.28 8.20 -8.67
N PRO A 410 -6.34 8.17 -9.49
CA PRO A 410 -6.43 7.23 -10.60
C PRO A 410 -5.39 7.46 -11.72
N HIS A 411 -4.69 8.60 -11.76
CA HIS A 411 -3.59 8.86 -12.74
C HIS A 411 -2.26 8.21 -12.34
N ARG A 412 -2.11 7.72 -11.10
CA ARG A 412 -0.75 7.39 -10.60
C ARG A 412 -0.24 6.14 -11.31
N ARG A 413 1.05 6.14 -11.64
CA ARG A 413 1.71 5.07 -12.42
C ARG A 413 3.00 4.61 -11.74
N ASP A 414 3.53 5.37 -10.78
CA ASP A 414 4.80 5.07 -10.08
C ASP A 414 4.60 3.83 -9.20
N ILE A 415 3.41 3.72 -8.62
CA ILE A 415 3.01 2.53 -7.80
C ILE A 415 3.05 1.27 -8.66
N PHE A 416 3.29 0.13 -8.03
CA PHE A 416 3.35 -1.17 -8.74
C PHE A 416 1.93 -1.64 -9.01
N ALA A 417 1.22 -0.96 -9.92
CA ALA A 417 -0.23 -1.17 -10.15
C ALA A 417 -0.45 -1.78 -11.52
N GLY A 418 -1.33 -2.78 -11.55
CA GLY A 418 -1.89 -3.38 -12.76
C GLY A 418 -3.36 -3.56 -12.51
N PHE A 419 -3.91 -4.63 -12.99
CA PHE A 419 -5.35 -4.88 -12.81
C PHE A 419 -5.67 -6.30 -13.25
N ARG A 420 -6.83 -6.78 -12.82
CA ARG A 420 -7.50 -7.96 -13.45
C ARG A 420 -8.86 -7.51 -13.98
N SER A 421 -9.43 -8.30 -14.86
CA SER A 421 -10.71 -7.96 -15.53
C SER A 421 -11.75 -9.01 -15.22
N CYS A 422 -13.01 -8.67 -15.43
CA CYS A 422 -14.13 -9.60 -15.26
C CYS A 422 -15.22 -9.24 -16.28
N ARG A 423 -16.25 -10.08 -16.34
CA ARG A 423 -17.45 -9.85 -17.18
C ARG A 423 -18.62 -10.66 -16.63
N ALA A 424 -19.82 -10.43 -17.18
CA ALA A 424 -21.10 -11.11 -16.85
C ALA A 424 -20.98 -12.61 -17.06
N PRO A 425 -21.76 -13.44 -16.34
CA PRO A 425 -21.68 -14.90 -16.49
C PRO A 425 -22.17 -15.46 -17.84
#